data_8RNP
#
_entry.id   8RNP
#
_cell.length_a   75.010
_cell.length_b   75.010
_cell.length_c   186.085
_cell.angle_alpha   90.00
_cell.angle_beta   90.00
_cell.angle_gamma   90.00
#
_symmetry.space_group_name_H-M   'P 43 21 2'
#
loop_
_entity.id
_entity.type
_entity.pdbx_description
1 polymer 'Unspecific peroxygenase'
2 non-polymer 'PROTOPORPHYRIN IX CONTAINING FE'
3 non-polymer 2-acetamido-2-deoxy-beta-D-glucopyranose
4 non-polymer GLYCEROL
5 non-polymer DI(HYDROXYETHYL)ETHER
6 non-polymer (4R)-1-methyl-4-(prop-1-en-2-yl)cyclohex-1-ene
7 non-polymer 'MAGNESIUM ION'
8 non-polymer 'SULFATE ION'
9 water water
#
_entity_poly.entity_id   1
_entity_poly.type   'polypeptide(L)'
_entity_poly.pdbx_seq_one_letter_code
;AVDFSAHPWKAPGPNDSRGPCPGLNTLANHGFLPRNGRNISVPMIVKAGFEGYNVQSDILILAGKVGMLTSREADTISLE
DLKLHGTIEHDASLSREDVAIGDNLHFNEAIFTTLANSNPGADVYNISSAAQVQHDRLADSVARNPNVTNTDLTATIRSS
ESAFYLTVMSAGDPLRGEAPKKFVNVFFQEERMPIKEGWKRSTTPINLPLLGPIIDRITELSDWKPTGDNCGAIVLGPGL
;
_entity_poly.pdbx_strand_id   A,B
#
# COMPACT_ATOMS: atom_id res chain seq x y z
N ALA A 1 15.33 16.59 17.08
CA ALA A 1 14.58 17.81 16.67
C ALA A 1 15.61 18.89 16.36
N VAL A 2 15.22 20.14 16.58
CA VAL A 2 16.20 21.07 17.09
C VAL A 2 16.65 20.50 18.44
N ASP A 3 15.73 20.26 19.39
CA ASP A 3 16.12 20.15 20.80
C ASP A 3 15.98 18.73 21.35
N PHE A 4 17.11 18.00 21.39
CA PHE A 4 17.14 16.61 21.83
C PHE A 4 17.02 16.51 23.35
N SER A 5 17.38 17.59 24.05
CA SER A 5 17.36 17.61 25.50
C SER A 5 15.91 17.57 25.99
N ALA A 6 14.99 18.09 25.16
CA ALA A 6 13.56 18.03 25.44
C ALA A 6 12.95 16.69 25.00
N HIS A 7 13.77 15.72 24.61
CA HIS A 7 13.27 14.45 24.08
C HIS A 7 14.01 13.33 24.79
N PRO A 8 13.85 13.19 26.13
CA PRO A 8 14.52 12.14 26.88
C PRO A 8 14.00 10.77 26.49
N TRP A 9 14.88 9.77 26.56
CA TRP A 9 14.47 8.38 26.44
C TRP A 9 13.68 7.99 27.69
N LYS A 10 12.50 7.38 27.50
CA LYS A 10 11.81 6.70 28.56
C LYS A 10 11.42 5.31 28.09
N ALA A 11 11.69 4.31 28.94
CA ALA A 11 11.29 2.93 28.65
C ALA A 11 9.80 2.89 28.36
N PRO A 12 9.34 2.10 27.37
CA PRO A 12 7.90 1.94 27.14
C PRO A 12 7.27 1.22 28.32
N GLY A 13 6.07 1.62 28.70
CA GLY A 13 5.25 0.88 29.65
C GLY A 13 4.61 -0.34 28.98
N PRO A 14 3.90 -1.21 29.74
CA PRO A 14 3.37 -2.46 29.19
C PRO A 14 2.27 -2.28 28.15
N ASN A 15 1.55 -1.13 28.19
CA ASN A 15 0.50 -0.86 27.23
C ASN A 15 0.94 0.20 26.19
N ASP A 16 2.21 0.57 26.16
CA ASP A 16 2.75 1.43 25.11
C ASP A 16 2.99 0.57 23.85
N SER A 17 2.40 0.96 22.71
CA SER A 17 2.45 0.11 21.53
C SER A 17 3.81 0.25 20.86
N ARG A 18 4.48 -0.89 20.68
CA ARG A 18 5.77 -0.95 20.02
C ARG A 18 5.71 -2.03 18.95
N GLY A 19 6.49 -1.87 17.87
CA GLY A 19 6.47 -2.79 16.75
C GLY A 19 7.81 -3.49 16.51
N PRO A 20 8.00 -4.04 15.28
CA PRO A 20 9.22 -4.77 14.93
C PRO A 20 10.33 -3.89 14.35
N CYS A 21 10.08 -2.59 14.26
CA CYS A 21 11.02 -1.60 13.74
C CYS A 21 11.74 -0.83 14.86
N PRO A 22 13.04 -1.07 15.09
CA PRO A 22 13.81 -0.29 16.07
C PRO A 22 13.85 1.21 15.76
N GLY A 23 13.82 1.58 14.47
CA GLY A 23 13.85 2.97 14.04
C GLY A 23 12.68 3.77 14.59
N LEU A 24 11.47 3.23 14.41
CA LEU A 24 10.24 3.87 14.85
C LEU A 24 10.08 3.74 16.37
N ASN A 25 10.40 2.56 16.94
CA ASN A 25 10.34 2.36 18.37
C ASN A 25 11.23 3.37 19.11
N THR A 26 12.42 3.63 18.57
CA THR A 26 13.37 4.55 19.18
C THR A 26 12.79 5.95 19.17
N LEU A 27 12.18 6.35 18.04
CA LEU A 27 11.60 7.67 17.93
C LEU A 27 10.49 7.85 18.96
N ALA A 28 9.73 6.78 19.23
CA ALA A 28 8.65 6.80 20.21
C ALA A 28 9.22 6.88 21.62
N ASN A 29 10.29 6.13 21.90
CA ASN A 29 10.85 6.13 23.25
C ASN A 29 11.47 7.49 23.57
N HIS A 30 11.59 8.39 22.59
CA HIS A 30 12.14 9.71 22.81
C HIS A 30 11.07 10.78 22.62
N GLY A 31 9.84 10.34 22.35
CA GLY A 31 8.72 11.24 22.14
C GLY A 31 8.81 12.07 20.87
N PHE A 32 9.63 11.66 19.90
CA PHE A 32 9.54 12.21 18.54
C PHE A 32 8.26 11.72 17.86
N LEU A 33 7.84 10.49 18.18
CA LEU A 33 6.50 9.99 17.92
C LEU A 33 5.83 9.80 19.26
N PRO A 34 4.49 9.78 19.34
CA PRO A 34 3.80 9.52 20.61
C PRO A 34 4.42 8.37 21.39
N ARG A 35 4.65 8.58 22.68
CA ARG A 35 5.25 7.56 23.54
C ARG A 35 4.33 6.33 23.69
N ASN A 36 3.02 6.51 23.48
CA ASN A 36 2.08 5.41 23.60
C ASN A 36 2.09 4.57 22.32
N GLY A 37 2.69 5.11 21.26
CA GLY A 37 2.89 4.41 20.01
C GLY A 37 1.60 4.27 19.19
N ARG A 38 0.59 5.14 19.43
CA ARG A 38 -0.72 5.00 18.80
CA ARG A 38 -0.72 4.99 18.79
C ARG A 38 -1.05 6.23 17.94
N ASN A 39 -2.03 6.06 17.04
CA ASN A 39 -2.50 7.12 16.15
C ASN A 39 -1.36 7.81 15.43
N ILE A 40 -0.51 7.02 14.79
CA ILE A 40 0.65 7.54 14.10
C ILE A 40 0.36 7.56 12.61
N SER A 41 0.46 8.75 12.04
CA SER A 41 0.22 9.00 10.64
C SER A 41 1.55 9.11 9.90
N VAL A 42 1.49 9.12 8.56
CA VAL A 42 2.71 9.23 7.77
C VAL A 42 3.34 10.61 7.97
N PRO A 43 2.58 11.73 7.93
CA PRO A 43 3.15 13.04 8.24
C PRO A 43 3.94 13.09 9.54
N MET A 44 3.43 12.39 10.57
CA MET A 44 4.10 12.31 11.86
C MET A 44 5.42 11.52 11.76
N ILE A 45 5.39 10.43 10.98
CA ILE A 45 6.60 9.64 10.76
C ILE A 45 7.65 10.49 10.02
N VAL A 46 7.20 11.19 8.98
CA VAL A 46 8.12 12.03 8.20
C VAL A 46 8.78 13.09 9.11
N LYS A 47 7.98 13.79 9.91
CA LYS A 47 8.51 14.81 10.79
C LYS A 47 9.47 14.18 11.81
N ALA A 48 9.04 13.05 12.42
CA ALA A 48 9.82 12.40 13.46
C ALA A 48 11.16 11.91 12.92
N GLY A 49 11.14 11.27 11.75
CA GLY A 49 12.36 10.74 11.16
C GLY A 49 13.33 11.84 10.76
N PHE A 50 12.78 12.98 10.28
CA PHE A 50 13.59 14.13 9.93
C PHE A 50 14.29 14.67 11.19
N GLU A 51 13.51 14.93 12.23
CA GLU A 51 14.02 15.59 13.42
C GLU A 51 15.00 14.68 14.13
N GLY A 52 14.62 13.41 14.29
CA GLY A 52 15.41 12.48 15.07
C GLY A 52 16.68 12.03 14.34
N TYR A 53 16.59 11.78 13.03
CA TYR A 53 17.63 11.04 12.32
C TYR A 53 18.16 11.76 11.07
N ASN A 54 17.46 12.80 10.60
CA ASN A 54 17.74 13.47 9.34
C ASN A 54 17.48 12.54 8.15
N VAL A 55 16.49 11.65 8.32
CA VAL A 55 15.98 10.85 7.22
C VAL A 55 14.88 11.68 6.54
N GLN A 56 15.00 11.78 5.21
CA GLN A 56 14.15 12.64 4.40
C GLN A 56 12.83 11.97 4.03
N SER A 57 11.93 12.78 3.49
CA SER A 57 10.56 12.40 3.24
C SER A 57 10.42 11.36 2.11
N ASP A 58 11.37 11.31 1.16
CA ASP A 58 11.21 10.42 0.02
C ASP A 58 11.02 8.99 0.54
N ILE A 59 11.93 8.52 1.40
CA ILE A 59 11.86 7.14 1.80
C ILE A 59 10.77 6.93 2.86
N LEU A 60 10.51 7.95 3.68
CA LEU A 60 9.55 7.82 4.79
C LEU A 60 8.13 7.84 4.26
N ILE A 61 7.87 8.58 3.19
CA ILE A 61 6.57 8.56 2.53
C ILE A 61 6.33 7.20 1.87
N LEU A 62 7.32 6.68 1.15
CA LEU A 62 7.20 5.41 0.44
C LEU A 62 6.94 4.27 1.44
N ALA A 63 7.82 4.12 2.43
CA ALA A 63 7.67 3.10 3.45
C ALA A 63 6.45 3.34 4.34
N GLY A 64 6.24 4.62 4.70
CA GLY A 64 5.14 4.97 5.60
C GLY A 64 3.79 4.51 5.06
N LYS A 65 3.55 4.76 3.78
CA LYS A 65 2.24 4.50 3.20
C LYS A 65 2.03 3.00 3.05
N VAL A 66 3.12 2.24 2.86
CA VAL A 66 3.01 0.79 2.83
C VAL A 66 2.70 0.30 4.23
N GLY A 67 3.35 0.89 5.24
CA GLY A 67 3.06 0.55 6.62
C GLY A 67 1.62 0.81 7.04
N MET A 68 1.00 1.87 6.49
CA MET A 68 -0.37 2.20 6.84
C MET A 68 -1.31 1.04 6.53
N LEU A 69 -0.96 0.22 5.53
CA LEU A 69 -1.81 -0.91 5.13
C LEU A 69 -2.05 -1.90 6.25
N THR A 70 -1.19 -1.91 7.28
CA THR A 70 -1.21 -2.94 8.30
C THR A 70 -2.32 -2.71 9.35
N SER A 71 -2.94 -1.51 9.40
CA SER A 71 -4.02 -1.23 10.35
C SER A 71 -5.38 -1.28 9.67
N ARG A 72 -6.44 -1.11 10.48
CA ARG A 72 -7.81 -1.02 9.99
CA ARG A 72 -7.81 -1.02 9.98
C ARG A 72 -8.28 0.43 9.99
N GLU A 73 -7.41 1.36 10.37
CA GLU A 73 -7.77 2.77 10.41
C GLU A 73 -7.50 3.42 9.05
N ALA A 74 -8.15 4.57 8.83
CA ALA A 74 -8.12 5.25 7.55
C ALA A 74 -6.73 5.81 7.24
N ASP A 75 -5.99 6.28 8.26
CA ASP A 75 -4.78 7.03 7.99
C ASP A 75 -3.76 7.00 9.13
N THR A 76 -3.91 6.08 10.09
CA THR A 76 -2.92 5.93 11.14
C THR A 76 -2.66 4.44 11.41
N ILE A 77 -1.60 4.21 12.17
CA ILE A 77 -1.30 2.90 12.74
C ILE A 77 -1.00 3.04 14.22
N SER A 78 -1.10 1.87 14.86
CA SER A 78 -0.35 1.51 16.05
CA SER A 78 -0.34 1.53 16.04
C SER A 78 0.99 0.92 15.60
N LEU A 79 2.06 1.19 16.36
CA LEU A 79 3.36 0.67 15.98
C LEU A 79 3.33 -0.85 15.89
N GLU A 80 2.59 -1.53 16.79
CA GLU A 80 2.55 -2.98 16.84
C GLU A 80 1.90 -3.57 15.58
N ASP A 81 1.01 -2.80 14.95
CA ASP A 81 0.36 -3.21 13.72
C ASP A 81 1.39 -3.61 12.68
N LEU A 82 2.58 -2.98 12.70
CA LEU A 82 3.59 -3.19 11.66
C LEU A 82 4.11 -4.62 11.68
N LYS A 83 3.71 -5.42 12.67
CA LYS A 83 4.17 -6.80 12.76
C LYS A 83 3.44 -7.68 11.73
N LEU A 84 2.43 -7.14 11.06
CA LEU A 84 1.66 -7.93 10.09
C LEU A 84 2.62 -8.60 9.10
N HIS A 85 2.64 -9.94 9.13
CA HIS A 85 3.59 -10.67 8.32
C HIS A 85 3.27 -10.56 6.83
N GLY A 86 4.28 -10.22 6.03
CA GLY A 86 4.16 -10.18 4.57
C GLY A 86 3.71 -8.84 4.01
N THR A 87 3.48 -7.80 4.82
CA THR A 87 3.40 -6.45 4.31
C THR A 87 4.81 -5.89 4.22
N ILE A 88 5.34 -5.38 5.35
CA ILE A 88 6.77 -5.10 5.41
C ILE A 88 7.48 -6.18 6.20
N GLU A 89 6.91 -6.58 7.34
CA GLU A 89 7.58 -7.55 8.21
C GLU A 89 7.89 -8.82 7.40
N HIS A 90 9.06 -9.40 7.68
CA HIS A 90 9.61 -10.45 6.87
C HIS A 90 10.46 -11.38 7.71
N ASP A 91 10.68 -12.60 7.18
CA ASP A 91 11.59 -13.57 7.76
C ASP A 91 13.03 -13.06 7.67
N ALA A 92 13.91 -13.71 8.44
CA ALA A 92 15.34 -13.39 8.44
C ALA A 92 15.57 -11.93 8.85
N SER A 93 14.87 -11.54 9.91
CA SER A 93 15.11 -10.28 10.59
C SER A 93 16.44 -10.33 11.35
N LEU A 94 16.99 -9.15 11.65
CA LEU A 94 18.26 -9.01 12.35
C LEU A 94 18.13 -9.25 13.85
N SER A 95 16.95 -8.98 14.42
CA SER A 95 16.81 -8.92 15.86
C SER A 95 15.49 -9.55 16.33
N ARG A 96 14.67 -10.03 15.40
CA ARG A 96 13.42 -10.72 15.72
C ARG A 96 13.45 -12.12 15.12
N GLU A 97 12.54 -12.98 15.59
CA GLU A 97 12.38 -14.33 15.07
C GLU A 97 11.34 -14.35 13.96
N ASP A 98 11.43 -15.36 13.08
CA ASP A 98 10.41 -15.59 12.06
C ASP A 98 9.10 -15.96 12.74
N VAL A 99 7.99 -15.41 12.22
CA VAL A 99 6.70 -15.53 12.86
C VAL A 99 6.26 -16.99 12.90
N ALA A 100 6.61 -17.82 11.91
CA ALA A 100 6.15 -19.20 11.90
C ALA A 100 6.72 -20.02 13.05
N ILE A 101 7.89 -19.62 13.57
CA ILE A 101 8.57 -20.43 14.58
C ILE A 101 8.89 -19.60 15.83
N GLY A 102 8.33 -18.39 15.97
CA GLY A 102 8.70 -17.55 17.11
C GLY A 102 8.02 -16.19 17.10
N ASP A 103 8.57 -15.27 17.91
CA ASP A 103 8.02 -13.93 18.12
C ASP A 103 8.65 -13.01 17.08
N ASN A 104 7.81 -12.42 16.19
CA ASN A 104 8.30 -11.58 15.11
C ASN A 104 8.24 -10.10 15.48
N LEU A 105 7.93 -9.80 16.74
CA LEU A 105 7.61 -8.46 17.19
C LEU A 105 8.73 -7.89 18.06
N HIS A 106 9.16 -8.65 19.07
CA HIS A 106 10.05 -8.16 20.12
C HIS A 106 11.52 -8.45 19.81
N PHE A 107 12.39 -7.61 20.38
CA PHE A 107 13.83 -7.80 20.32
C PHE A 107 14.21 -9.13 20.98
N ASN A 108 15.13 -9.85 20.34
CA ASN A 108 15.55 -11.17 20.81
C ASN A 108 17.07 -11.23 20.78
N GLU A 109 17.70 -11.35 21.97
CA GLU A 109 19.14 -11.29 22.10
C GLU A 109 19.81 -12.45 21.37
N ALA A 110 19.18 -13.63 21.35
CA ALA A 110 19.79 -14.80 20.70
C ALA A 110 19.89 -14.60 19.19
N ILE A 111 18.84 -14.04 18.57
CA ILE A 111 18.89 -13.71 17.15
C ILE A 111 19.94 -12.63 16.91
N PHE A 112 19.92 -11.58 17.74
CA PHE A 112 20.82 -10.45 17.59
C PHE A 112 22.30 -10.84 17.65
N THR A 113 22.61 -11.99 18.25
CA THR A 113 23.98 -12.48 18.37
C THR A 113 24.72 -12.33 17.04
N THR A 114 24.11 -12.83 15.96
CA THR A 114 24.77 -12.83 14.67
C THR A 114 25.27 -11.43 14.35
N LEU A 115 24.37 -10.42 14.37
CA LEU A 115 24.78 -9.06 14.09
C LEU A 115 25.82 -8.58 15.11
N ALA A 116 25.60 -8.89 16.39
CA ALA A 116 26.45 -8.41 17.47
C ALA A 116 27.88 -8.93 17.30
N ASN A 117 28.04 -10.14 16.74
CA ASN A 117 29.36 -10.73 16.60
C ASN A 117 29.98 -10.48 15.22
N SER A 118 29.41 -9.59 14.42
CA SER A 118 29.85 -9.41 13.04
C SER A 118 30.99 -8.40 12.99
N ASN A 119 31.74 -8.42 11.88
CA ASN A 119 32.92 -7.60 11.67
C ASN A 119 33.87 -7.72 12.86
N PRO A 120 34.32 -8.94 13.21
CA PRO A 120 35.38 -9.09 14.22
C PRO A 120 36.60 -8.21 13.96
N GLY A 121 37.16 -7.66 15.03
CA GLY A 121 38.40 -6.90 14.96
C GLY A 121 38.21 -5.48 14.43
N ALA A 122 36.97 -4.99 14.46
CA ALA A 122 36.72 -3.57 14.28
C ALA A 122 35.72 -3.12 15.34
N ASP A 123 35.62 -1.81 15.54
CA ASP A 123 34.63 -1.27 16.46
C ASP A 123 33.48 -0.66 15.66
N VAL A 124 33.39 -1.01 14.37
CA VAL A 124 32.31 -0.56 13.50
C VAL A 124 31.66 -1.76 12.81
N TYR A 125 30.40 -1.61 12.42
CA TYR A 125 29.76 -2.45 11.40
C TYR A 125 29.86 -1.71 10.07
N ASN A 126 29.91 -2.41 8.90
CA ASN A 126 30.32 -1.74 7.67
C ASN A 126 30.02 -2.45 6.34
N ILE A 127 28.77 -2.64 5.97
CA ILE A 127 28.42 -3.06 4.60
C ILE A 127 28.91 -4.47 4.29
N SER A 128 30.22 -4.77 4.34
CA SER A 128 30.60 -6.17 4.16
C SER A 128 30.11 -7.01 5.34
N SER A 129 30.20 -6.49 6.57
CA SER A 129 29.66 -7.21 7.71
C SER A 129 28.14 -7.28 7.62
N ALA A 130 27.50 -6.16 7.26
CA ALA A 130 26.06 -6.15 7.07
C ALA A 130 25.63 -7.22 6.07
N ALA A 131 26.38 -7.36 4.97
CA ALA A 131 26.06 -8.36 3.97
C ALA A 131 26.23 -9.78 4.51
N GLN A 132 27.27 -10.02 5.32
CA GLN A 132 27.52 -11.35 5.84
C GLN A 132 26.42 -11.75 6.83
N VAL A 133 25.98 -10.78 7.66
CA VAL A 133 24.88 -11.00 8.59
C VAL A 133 23.62 -11.43 7.84
N GLN A 134 23.30 -10.74 6.74
CA GLN A 134 22.07 -11.05 5.99
C GLN A 134 22.12 -12.48 5.42
N HIS A 135 23.23 -12.80 4.78
CA HIS A 135 23.50 -14.14 4.29
C HIS A 135 23.24 -15.18 5.40
N ASP A 136 23.83 -14.95 6.58
CA ASP A 136 23.76 -15.89 7.69
C ASP A 136 22.35 -15.96 8.27
N ARG A 137 21.68 -14.81 8.43
CA ARG A 137 20.30 -14.80 8.90
C ARG A 137 19.38 -15.57 7.95
N LEU A 138 19.52 -15.36 6.63
CA LEU A 138 18.65 -16.02 5.67
C LEU A 138 18.90 -17.54 5.73
N ALA A 139 20.19 -17.94 5.76
CA ALA A 139 20.51 -19.35 5.85
C ALA A 139 19.83 -19.96 7.09
N ASP A 140 19.82 -19.21 8.20
CA ASP A 140 19.24 -19.73 9.43
C ASP A 140 17.74 -19.98 9.23
N SER A 141 17.05 -19.03 8.61
CA SER A 141 15.64 -19.18 8.29
C SER A 141 15.40 -20.34 7.32
N VAL A 142 16.28 -20.51 6.32
CA VAL A 142 16.11 -21.60 5.36
C VAL A 142 16.29 -22.94 6.07
N ALA A 143 17.19 -22.99 7.08
CA ALA A 143 17.44 -24.24 7.80
C ALA A 143 16.28 -24.58 8.74
N ARG A 144 15.67 -23.58 9.37
CA ARG A 144 14.87 -23.84 10.56
C ARG A 144 13.40 -23.49 10.39
N ASN A 145 13.02 -22.79 9.32
CA ASN A 145 11.64 -22.34 9.18
C ASN A 145 10.99 -22.99 7.95
N PRO A 146 10.06 -23.96 8.12
CA PRO A 146 9.43 -24.61 6.97
C PRO A 146 8.52 -23.68 6.16
N ASN A 147 8.25 -22.48 6.68
CA ASN A 147 7.42 -21.49 5.99
C ASN A 147 8.22 -20.31 5.47
N VAL A 148 9.53 -20.43 5.45
CA VAL A 148 10.36 -19.30 5.07
C VAL A 148 9.87 -18.67 3.76
N THR A 149 9.84 -17.34 3.73
CA THR A 149 9.64 -16.57 2.51
C THR A 149 10.89 -15.72 2.24
N ASN A 150 11.41 -15.84 1.02
CA ASN A 150 12.60 -15.11 0.56
C ASN A 150 12.43 -14.72 -0.90
N THR A 151 12.17 -13.42 -1.16
CA THR A 151 11.92 -12.91 -2.50
C THR A 151 12.83 -11.72 -2.77
N ASP A 152 12.81 -11.23 -4.01
CA ASP A 152 13.53 -10.01 -4.36
CA ASP A 152 13.54 -10.02 -4.35
C ASP A 152 13.13 -8.89 -3.40
N LEU A 153 11.82 -8.82 -3.12
CA LEU A 153 11.28 -7.74 -2.31
C LEU A 153 11.79 -7.83 -0.87
N THR A 154 11.67 -9.00 -0.22
CA THR A 154 12.18 -9.18 1.13
C THR A 154 13.68 -8.91 1.18
N ALA A 155 14.41 -9.38 0.16
CA ALA A 155 15.85 -9.21 0.13
C ALA A 155 16.17 -7.71 0.10
N THR A 156 15.40 -6.95 -0.69
CA THR A 156 15.61 -5.52 -0.86
C THR A 156 15.24 -4.77 0.43
N ILE A 157 14.11 -5.10 1.05
CA ILE A 157 13.73 -4.50 2.31
C ILE A 157 14.81 -4.78 3.36
N ARG A 158 15.30 -6.02 3.41
CA ARG A 158 16.33 -6.41 4.35
C ARG A 158 17.56 -5.52 4.18
N SER A 159 18.02 -5.34 2.93
CA SER A 159 19.19 -4.52 2.65
C SER A 159 18.93 -3.06 3.03
N SER A 160 17.70 -2.58 2.84
CA SER A 160 17.31 -1.23 3.22
C SER A 160 17.47 -1.01 4.72
N GLU A 161 17.03 -2.01 5.49
CA GLU A 161 17.06 -1.93 6.93
C GLU A 161 18.51 -1.92 7.40
N SER A 162 19.38 -2.72 6.78
CA SER A 162 20.80 -2.68 7.11
C SER A 162 21.39 -1.31 6.75
N ALA A 163 21.03 -0.77 5.59
CA ALA A 163 21.49 0.56 5.22
C ALA A 163 21.03 1.60 6.25
N PHE A 164 19.85 1.38 6.85
CA PHE A 164 19.37 2.30 7.87
C PHE A 164 20.28 2.27 9.10
N TYR A 165 20.56 1.10 9.67
CA TYR A 165 21.35 1.10 10.89
C TYR A 165 22.75 1.64 10.62
N LEU A 166 23.31 1.40 9.43
CA LEU A 166 24.65 1.86 9.08
C LEU A 166 24.70 3.38 8.94
N THR A 167 23.62 3.98 8.44
CA THR A 167 23.61 5.41 8.11
C THR A 167 23.11 6.23 9.31
N VAL A 168 22.01 5.82 9.93
CA VAL A 168 21.36 6.65 10.92
C VAL A 168 22.21 6.68 12.20
N MET A 169 22.88 5.55 12.52
CA MET A 169 23.68 5.43 13.72
C MET A 169 25.18 5.67 13.46
N SER A 170 25.51 6.34 12.34
CA SER A 170 26.89 6.63 11.98
C SER A 170 27.48 7.69 12.90
N ALA A 171 28.82 7.72 12.95
CA ALA A 171 29.58 8.67 13.74
C ALA A 171 29.76 9.96 12.96
N GLY A 172 30.13 9.84 11.69
CA GLY A 172 30.35 11.03 10.90
C GLY A 172 29.42 11.05 9.68
N ASP A 173 29.99 10.65 8.55
CA ASP A 173 29.33 10.75 7.28
C ASP A 173 28.56 9.45 7.09
N PRO A 174 27.22 9.48 7.01
CA PRO A 174 26.47 8.29 6.62
C PRO A 174 26.85 7.71 5.25
N LEU A 175 27.46 8.52 4.36
CA LEU A 175 27.98 8.08 3.07
C LEU A 175 28.94 6.90 3.24
N ARG A 176 29.66 6.88 4.36
CA ARG A 176 30.74 5.93 4.59
C ARG A 176 30.19 4.52 4.74
N GLY A 177 28.91 4.39 5.11
CA GLY A 177 28.30 3.08 5.26
C GLY A 177 28.96 2.25 6.37
N GLU A 178 29.29 2.91 7.47
CA GLU A 178 29.73 2.19 8.66
C GLU A 178 29.26 2.95 9.91
N ALA A 179 28.91 2.18 10.96
CA ALA A 179 28.45 2.77 12.21
C ALA A 179 29.18 2.11 13.37
N PRO A 180 29.57 2.89 14.41
CA PRO A 180 30.11 2.32 15.64
C PRO A 180 29.21 1.23 16.20
N LYS A 181 29.80 0.10 16.59
CA LYS A 181 29.04 -0.99 17.20
C LYS A 181 28.38 -0.52 18.49
N LYS A 182 29.02 0.40 19.21
CA LYS A 182 28.46 0.84 20.47
C LYS A 182 27.18 1.64 20.21
N PHE A 183 27.08 2.32 19.05
CA PHE A 183 25.83 3.03 18.76
C PHE A 183 24.75 2.04 18.33
N VAL A 184 25.08 1.16 17.38
CA VAL A 184 24.08 0.26 16.79
C VAL A 184 23.53 -0.70 17.84
N ASN A 185 24.39 -1.18 18.75
CA ASN A 185 23.97 -2.13 19.78
C ASN A 185 22.97 -1.48 20.74
N VAL A 186 23.18 -0.22 21.13
CA VAL A 186 22.24 0.51 21.97
C VAL A 186 20.92 0.67 21.20
N PHE A 187 21.03 1.00 19.92
CA PHE A 187 19.87 1.22 19.06
C PHE A 187 18.96 -0.02 19.08
N PHE A 188 19.56 -1.21 18.98
CA PHE A 188 18.77 -2.42 18.86
C PHE A 188 18.33 -2.92 20.24
N GLN A 189 19.27 -2.96 21.17
CA GLN A 189 19.05 -3.59 22.46
C GLN A 189 18.15 -2.75 23.35
N GLU A 190 18.19 -1.42 23.21
CA GLU A 190 17.47 -0.54 24.13
C GLU A 190 16.50 0.37 23.37
N GLU A 191 16.59 0.43 22.04
CA GLU A 191 15.74 1.31 21.26
C GLU A 191 15.87 2.71 21.88
N ARG A 192 17.13 3.13 21.98
CA ARG A 192 17.53 4.42 22.50
C ARG A 192 18.56 5.06 21.55
N MET A 193 18.44 6.36 21.38
CA MET A 193 19.46 7.15 20.70
C MET A 193 20.66 7.26 21.63
N PRO A 194 21.85 6.76 21.22
CA PRO A 194 22.98 6.68 22.16
C PRO A 194 23.71 8.02 22.35
N ILE A 195 23.02 8.97 22.99
CA ILE A 195 23.49 10.35 23.11
C ILE A 195 24.66 10.39 24.09
N LYS A 196 24.47 9.79 25.27
CA LYS A 196 25.53 9.78 26.27
C LYS A 196 26.74 9.01 25.73
N GLU A 197 26.54 8.09 24.77
CA GLU A 197 27.67 7.36 24.21
C GLU A 197 28.41 8.21 23.18
N GLY A 198 27.78 9.32 22.74
CA GLY A 198 28.43 10.27 21.86
C GLY A 198 27.77 10.43 20.49
N TRP A 199 26.63 9.77 20.25
CA TRP A 199 25.97 9.82 18.95
C TRP A 199 25.35 11.19 18.79
N LYS A 200 25.43 11.75 17.56
CA LYS A 200 24.64 12.91 17.18
C LYS A 200 23.87 12.62 15.89
N ARG A 201 22.70 13.26 15.74
CA ARG A 201 21.95 13.23 14.49
C ARG A 201 22.88 13.59 13.33
N SER A 202 22.72 12.90 12.19
CA SER A 202 23.47 13.20 10.99
C SER A 202 23.21 14.64 10.55
N THR A 203 24.27 15.32 10.11
CA THR A 203 24.16 16.62 9.49
C THR A 203 23.96 16.46 7.98
N THR A 204 24.20 15.25 7.46
CA THR A 204 23.94 14.91 6.08
C THR A 204 22.53 14.32 5.95
N PRO A 205 21.68 14.83 5.02
CA PRO A 205 20.38 14.23 4.75
C PRO A 205 20.50 12.79 4.29
N ILE A 206 19.73 11.90 4.92
CA ILE A 206 19.68 10.51 4.53
C ILE A 206 18.43 10.27 3.69
N ASN A 207 18.63 10.12 2.37
CA ASN A 207 17.55 10.00 1.41
C ASN A 207 17.80 8.80 0.49
N LEU A 208 16.92 8.58 -0.49
CA LEU A 208 17.01 7.41 -1.36
C LEU A 208 18.26 7.43 -2.24
N PRO A 209 18.64 8.57 -2.88
CA PRO A 209 19.91 8.68 -3.58
C PRO A 209 21.14 8.25 -2.78
N LEU A 210 21.17 8.58 -1.47
CA LEU A 210 22.29 8.20 -0.62
C LEU A 210 22.23 6.71 -0.27
N LEU A 211 21.04 6.21 0.08
CA LEU A 211 20.85 4.83 0.50
C LEU A 211 20.97 3.86 -0.67
N GLY A 212 20.52 4.24 -1.87
CA GLY A 212 20.40 3.34 -3.00
C GLY A 212 21.66 2.49 -3.23
N PRO A 213 22.85 3.09 -3.45
CA PRO A 213 24.07 2.33 -3.71
C PRO A 213 24.54 1.49 -2.53
N ILE A 214 24.21 1.92 -1.30
CA ILE A 214 24.58 1.16 -0.11
C ILE A 214 23.75 -0.13 -0.07
N ILE A 215 22.45 -0.01 -0.27
CA ILE A 215 21.53 -1.14 -0.35
C ILE A 215 21.98 -2.13 -1.40
N ASP A 216 22.38 -1.64 -2.58
CA ASP A 216 22.72 -2.51 -3.70
C ASP A 216 24.00 -3.26 -3.40
N ARG A 217 24.96 -2.57 -2.77
CA ARG A 217 26.24 -3.16 -2.44
C ARG A 217 26.07 -4.25 -1.37
N ILE A 218 25.23 -4.00 -0.36
CA ILE A 218 24.97 -5.02 0.64
C ILE A 218 24.36 -6.26 -0.02
N THR A 219 23.36 -6.06 -0.88
CA THR A 219 22.73 -7.16 -1.59
C THR A 219 23.79 -7.97 -2.35
N GLU A 220 24.65 -7.26 -3.11
CA GLU A 220 25.63 -7.89 -3.99
C GLU A 220 26.63 -8.73 -3.17
N LEU A 221 27.07 -8.19 -2.02
CA LEU A 221 28.05 -8.90 -1.19
C LEU A 221 27.40 -10.04 -0.40
N SER A 222 26.06 -10.05 -0.28
CA SER A 222 25.40 -11.06 0.53
C SER A 222 25.28 -12.40 -0.19
N ASP A 223 25.77 -12.45 -1.44
CA ASP A 223 25.66 -13.64 -2.26
CA ASP A 223 25.65 -13.63 -2.27
C ASP A 223 24.24 -14.20 -2.17
N TRP A 224 23.24 -13.34 -2.46
CA TRP A 224 21.83 -13.71 -2.44
C TRP A 224 21.39 -14.28 -3.78
N LYS A 225 20.53 -15.30 -3.72
CA LYS A 225 19.93 -15.91 -4.90
C LYS A 225 18.46 -16.16 -4.60
N PRO A 226 17.57 -16.22 -5.62
CA PRO A 226 16.20 -16.69 -5.42
C PRO A 226 16.20 -18.16 -5.03
N THR A 227 15.20 -18.55 -4.24
CA THR A 227 15.17 -19.85 -3.61
C THR A 227 13.84 -20.52 -3.91
N GLY A 228 12.88 -19.78 -4.45
CA GLY A 228 11.51 -20.29 -4.49
C GLY A 228 10.63 -19.46 -5.43
N ASP A 229 9.41 -19.19 -4.98
CA ASP A 229 8.40 -18.50 -5.78
C ASP A 229 9.00 -17.26 -6.45
N ASN A 230 9.57 -16.41 -5.59
CA ASN A 230 10.12 -15.11 -5.94
C ASN A 230 9.03 -14.14 -6.41
N CYS A 231 7.81 -14.26 -5.86
CA CYS A 231 6.72 -13.34 -6.18
C CYS A 231 6.65 -12.25 -5.12
N GLY A 232 6.89 -10.99 -5.50
CA GLY A 232 7.01 -9.91 -4.53
C GLY A 232 5.66 -9.35 -4.08
N ALA A 233 4.70 -10.23 -3.74
CA ALA A 233 3.36 -9.81 -3.38
C ALA A 233 3.33 -9.40 -1.92
N ILE A 234 2.71 -8.26 -1.60
CA ILE A 234 2.59 -7.88 -0.21
C ILE A 234 1.15 -8.15 0.22
N VAL A 235 0.98 -8.40 1.52
CA VAL A 235 -0.34 -8.44 2.14
C VAL A 235 -0.88 -7.01 2.21
N LEU A 236 -2.13 -6.82 1.77
CA LEU A 236 -2.68 -5.49 1.47
C LEU A 236 -3.47 -4.91 2.63
N GLY A 237 -3.81 -5.72 3.63
CA GLY A 237 -4.52 -5.23 4.80
C GLY A 237 -4.65 -6.34 5.82
N PRO A 238 -5.00 -6.05 7.10
CA PRO A 238 -5.14 -7.10 8.12
C PRO A 238 -6.35 -8.00 7.87
N GLY A 239 -6.27 -9.22 8.40
CA GLY A 239 -7.35 -10.19 8.34
C GLY A 239 -7.88 -10.46 6.93
N LEU A 240 -6.98 -10.54 5.93
CA LEU A 240 -7.33 -10.99 4.60
C LEU A 240 -6.81 -12.43 4.44
N ALA B 1 -23.99 14.72 3.02
CA ALA B 1 -25.21 14.22 3.70
C ALA B 1 -26.22 13.78 2.64
N VAL B 2 -27.52 13.97 2.94
CA VAL B 2 -28.59 13.62 2.02
C VAL B 2 -29.06 14.88 1.27
N ASP B 3 -28.28 15.97 1.32
CA ASP B 3 -28.57 17.17 0.56
C ASP B 3 -27.87 17.10 -0.80
N PHE B 4 -28.52 16.42 -1.76
CA PHE B 4 -27.98 16.26 -3.11
C PHE B 4 -28.20 17.54 -3.92
N SER B 5 -29.15 18.38 -3.48
CA SER B 5 -29.40 19.69 -4.08
C SER B 5 -28.16 20.57 -3.95
N ALA B 6 -27.41 20.40 -2.86
CA ALA B 6 -26.18 21.13 -2.64
C ALA B 6 -24.99 20.51 -3.39
N HIS B 7 -25.23 19.46 -4.20
CA HIS B 7 -24.14 18.72 -4.81
C HIS B 7 -24.43 18.52 -6.30
N PRO B 8 -24.57 19.61 -7.08
CA PRO B 8 -24.85 19.50 -8.51
C PRO B 8 -23.66 18.91 -9.26
N TRP B 9 -23.96 18.19 -10.34
CA TRP B 9 -22.94 17.78 -11.28
C TRP B 9 -22.40 18.99 -12.04
N LYS B 10 -21.08 19.13 -12.08
CA LYS B 10 -20.43 20.06 -12.99
C LYS B 10 -19.34 19.31 -13.74
N ALA B 11 -19.30 19.52 -15.08
CA ALA B 11 -18.24 18.96 -15.90
C ALA B 11 -16.88 19.37 -15.34
N PRO B 12 -15.88 18.46 -15.33
CA PRO B 12 -14.53 18.83 -14.90
C PRO B 12 -13.92 19.84 -15.88
N GLY B 13 -13.23 20.84 -15.33
CA GLY B 13 -12.51 21.82 -16.13
C GLY B 13 -11.12 21.32 -16.51
N PRO B 14 -10.32 22.16 -17.22
CA PRO B 14 -9.04 21.70 -17.77
C PRO B 14 -7.95 21.43 -16.72
N ASN B 15 -8.06 22.07 -15.55
CA ASN B 15 -7.08 21.89 -14.48
C ASN B 15 -7.55 20.83 -13.49
N ASP B 16 -8.80 20.34 -13.60
CA ASP B 16 -9.40 19.43 -12.63
C ASP B 16 -8.84 18.02 -12.83
N SER B 17 -8.24 17.45 -11.77
CA SER B 17 -7.60 16.15 -11.90
C SER B 17 -8.67 15.05 -11.88
N ARG B 18 -8.67 14.21 -12.92
CA ARG B 18 -9.56 13.06 -12.98
C ARG B 18 -8.74 11.79 -13.27
N GLY B 19 -9.19 10.64 -12.75
CA GLY B 19 -8.47 9.38 -12.87
C GLY B 19 -9.23 8.31 -13.66
N PRO B 20 -8.84 7.02 -13.49
CA PRO B 20 -9.46 5.91 -14.22
C PRO B 20 -10.67 5.29 -13.55
N CYS B 21 -11.03 5.82 -12.36
CA CYS B 21 -12.15 5.32 -11.58
C CYS B 21 -13.37 6.23 -11.74
N PRO B 22 -14.45 5.72 -12.38
CA PRO B 22 -15.70 6.47 -12.47
C PRO B 22 -16.33 6.77 -11.11
N GLY B 23 -16.13 5.88 -10.12
CA GLY B 23 -16.72 6.03 -8.80
C GLY B 23 -16.24 7.32 -8.11
N LEU B 24 -14.92 7.51 -8.11
CA LEU B 24 -14.29 8.67 -7.51
C LEU B 24 -14.47 9.91 -8.38
N ASN B 25 -14.33 9.78 -9.71
CA ASN B 25 -14.54 10.90 -10.62
C ASN B 25 -15.95 11.48 -10.42
N THR B 26 -16.95 10.60 -10.27
CA THR B 26 -18.32 11.02 -10.15
C THR B 26 -18.49 11.79 -8.84
N LEU B 27 -17.87 11.30 -7.76
CA LEU B 27 -17.97 11.98 -6.47
C LEU B 27 -17.37 13.39 -6.55
N ALA B 28 -16.30 13.54 -7.34
CA ALA B 28 -15.65 14.83 -7.54
C ALA B 28 -16.53 15.75 -8.40
N ASN B 29 -17.16 15.19 -9.45
CA ASN B 29 -18.00 16.00 -10.33
C ASN B 29 -19.24 16.50 -9.59
N HIS B 30 -19.51 15.98 -8.38
CA HIS B 30 -20.66 16.41 -7.60
C HIS B 30 -20.21 17.17 -6.35
N GLY B 31 -18.88 17.34 -6.21
CA GLY B 31 -18.32 18.06 -5.08
C GLY B 31 -18.46 17.32 -3.74
N PHE B 32 -18.71 16.00 -3.78
CA PHE B 32 -18.56 15.19 -2.58
C PHE B 32 -17.08 15.04 -2.22
N LEU B 33 -16.22 15.01 -3.25
CA LEU B 33 -14.80 15.22 -3.12
C LEU B 33 -14.49 16.54 -3.79
N PRO B 34 -13.35 17.20 -3.48
CA PRO B 34 -12.92 18.40 -4.20
C PRO B 34 -13.14 18.25 -5.70
N ARG B 35 -13.78 19.27 -6.30
CA ARG B 35 -14.03 19.30 -7.74
C ARG B 35 -12.73 19.35 -8.52
N ASN B 36 -11.63 19.83 -7.89
CA ASN B 36 -10.36 19.93 -8.59
C ASN B 36 -9.66 18.57 -8.60
N GLY B 37 -10.16 17.64 -7.77
CA GLY B 37 -9.68 16.27 -7.74
C GLY B 37 -8.30 16.15 -7.10
N ARG B 38 -7.90 17.11 -6.25
CA ARG B 38 -6.54 17.17 -5.71
CA ARG B 38 -6.55 17.14 -5.71
C ARG B 38 -6.61 17.09 -4.18
N ASN B 39 -5.49 16.72 -3.57
CA ASN B 39 -5.37 16.60 -2.12
C ASN B 39 -6.50 15.79 -1.52
N ILE B 40 -6.64 14.56 -2.04
CA ILE B 40 -7.69 13.67 -1.60
C ILE B 40 -7.07 12.63 -0.67
N SER B 41 -7.58 12.62 0.57
CA SER B 41 -7.16 11.69 1.60
C SER B 41 -8.18 10.56 1.71
N VAL B 42 -7.81 9.52 2.47
CA VAL B 42 -8.67 8.37 2.68
C VAL B 42 -9.89 8.78 3.51
N PRO B 43 -9.73 9.56 4.61
CA PRO B 43 -10.91 10.09 5.33
C PRO B 43 -11.94 10.79 4.45
N MET B 44 -11.44 11.53 3.46
CA MET B 44 -12.30 12.25 2.54
C MET B 44 -13.04 11.27 1.62
N ILE B 45 -12.34 10.22 1.17
CA ILE B 45 -12.94 9.19 0.34
C ILE B 45 -14.01 8.44 1.15
N VAL B 46 -13.70 8.12 2.40
CA VAL B 46 -14.65 7.44 3.27
C VAL B 46 -15.93 8.26 3.40
N LYS B 47 -15.78 9.55 3.75
CA LYS B 47 -16.92 10.43 3.93
C LYS B 47 -17.68 10.55 2.61
N ALA B 48 -16.96 10.81 1.51
CA ALA B 48 -17.56 11.05 0.21
C ALA B 48 -18.35 9.84 -0.27
N GLY B 49 -17.76 8.64 -0.15
CA GLY B 49 -18.42 7.43 -0.61
C GLY B 49 -19.64 7.13 0.23
N PHE B 50 -19.57 7.42 1.54
CA PHE B 50 -20.73 7.23 2.41
C PHE B 50 -21.87 8.16 1.97
N GLU B 51 -21.57 9.45 1.86
CA GLU B 51 -22.61 10.44 1.58
C GLU B 51 -23.19 10.20 0.19
N GLY B 52 -22.32 9.98 -0.79
CA GLY B 52 -22.73 9.93 -2.19
C GLY B 52 -23.44 8.62 -2.53
N TYR B 53 -22.92 7.50 -2.00
CA TYR B 53 -23.28 6.17 -2.48
C TYR B 53 -23.77 5.22 -1.40
N ASN B 54 -23.57 5.56 -0.13
CA ASN B 54 -23.81 4.69 1.01
C ASN B 54 -22.84 3.48 0.99
N VAL B 55 -21.63 3.71 0.46
CA VAL B 55 -20.53 2.75 0.54
C VAL B 55 -19.81 2.97 1.86
N GLN B 56 -19.61 1.88 2.61
CA GLN B 56 -19.12 1.92 3.98
C GLN B 56 -17.59 1.96 4.03
N SER B 57 -17.07 2.18 5.24
CA SER B 57 -15.67 2.50 5.45
C SER B 57 -14.76 1.28 5.24
N ASP B 58 -15.31 0.07 5.45
CA ASP B 58 -14.49 -1.14 5.37
C ASP B 58 -13.78 -1.18 4.01
N ILE B 59 -14.53 -1.04 2.93
CA ILE B 59 -13.94 -1.23 1.63
C ILE B 59 -13.15 0.01 1.22
N LEU B 60 -13.62 1.20 1.64
CA LEU B 60 -13.00 2.45 1.22
C LEU B 60 -11.67 2.67 1.92
N ILE B 61 -11.54 2.21 3.16
CA ILE B 61 -10.26 2.26 3.85
C ILE B 61 -9.24 1.30 3.21
N LEU B 62 -9.68 0.07 2.93
CA LEU B 62 -8.81 -0.93 2.33
C LEU B 62 -8.30 -0.46 0.96
N ALA B 63 -9.22 -0.11 0.06
CA ALA B 63 -8.85 0.32 -1.28
C ALA B 63 -8.20 1.70 -1.24
N GLY B 64 -8.70 2.59 -0.38
CA GLY B 64 -8.16 3.94 -0.27
C GLY B 64 -6.67 3.95 0.04
N LYS B 65 -6.24 3.13 1.01
CA LYS B 65 -4.86 3.13 1.44
C LYS B 65 -3.97 2.51 0.37
N VAL B 66 -4.51 1.59 -0.44
CA VAL B 66 -3.73 1.08 -1.55
C VAL B 66 -3.60 2.16 -2.61
N GLY B 67 -4.68 2.90 -2.84
CA GLY B 67 -4.66 4.03 -3.78
C GLY B 67 -3.63 5.11 -3.39
N MET B 68 -3.43 5.34 -2.08
CA MET B 68 -2.51 6.35 -1.61
C MET B 68 -1.09 6.08 -2.10
N LEU B 69 -0.75 4.80 -2.35
CA LEU B 69 0.59 4.41 -2.79
C LEU B 69 0.96 5.05 -4.13
N THR B 70 -0.04 5.51 -4.90
CA THR B 70 0.19 5.93 -6.28
C THR B 70 0.74 7.36 -6.36
N SER B 71 0.70 8.14 -5.26
CA SER B 71 1.24 9.49 -5.26
C SER B 71 2.60 9.57 -4.57
N ARG B 72 3.20 10.78 -4.57
CA ARG B 72 4.44 11.05 -3.86
CA ARG B 72 4.45 11.07 -3.87
C ARG B 72 4.18 11.80 -2.56
N GLU B 73 2.90 12.07 -2.25
CA GLU B 73 2.55 12.83 -1.06
C GLU B 73 2.34 11.87 0.13
N ALA B 74 2.42 12.43 1.34
CA ALA B 74 2.42 11.63 2.55
C ALA B 74 1.06 10.94 2.78
N ASP B 75 -0.04 11.62 2.45
CA ASP B 75 -1.35 11.08 2.82
C ASP B 75 -2.48 11.57 1.93
N THR B 76 -2.16 12.02 0.71
CA THR B 76 -3.18 12.37 -0.25
C THR B 76 -2.76 11.90 -1.64
N ILE B 77 -3.71 11.98 -2.57
CA ILE B 77 -3.47 11.78 -3.99
C ILE B 77 -4.17 12.89 -4.77
N SER B 78 -3.72 12.99 -6.03
CA SER B 78 -4.52 13.48 -7.13
CA SER B 78 -4.53 13.48 -7.12
C SER B 78 -5.28 12.29 -7.73
N LEU B 79 -6.51 12.52 -8.20
CA LEU B 79 -7.29 11.45 -8.82
C LEU B 79 -6.53 10.81 -9.97
N GLU B 80 -5.80 11.60 -10.78
CA GLU B 80 -5.10 11.08 -11.94
C GLU B 80 -3.95 10.15 -11.53
N ASP B 81 -3.40 10.34 -10.34
CA ASP B 81 -2.35 9.47 -9.82
C ASP B 81 -2.77 8.00 -9.86
N LEU B 82 -4.08 7.74 -9.70
CA LEU B 82 -4.60 6.39 -9.61
C LEU B 82 -4.39 5.61 -10.92
N LYS B 83 -3.89 6.27 -11.97
CA LYS B 83 -3.64 5.59 -13.23
C LYS B 83 -2.39 4.73 -13.18
N LEU B 84 -1.61 4.82 -12.08
CA LEU B 84 -0.36 4.10 -12.02
C LEU B 84 -0.61 2.60 -12.26
N HIS B 85 -0.03 2.08 -13.33
CA HIS B 85 -0.25 0.71 -13.75
C HIS B 85 0.36 -0.26 -12.74
N GLY B 86 -0.45 -1.23 -12.30
CA GLY B 86 0.05 -2.33 -11.48
C GLY B 86 -0.10 -2.08 -9.98
N THR B 87 -0.61 -0.91 -9.55
CA THR B 87 -1.03 -0.76 -8.15
C THR B 87 -2.48 -1.24 -8.07
N ILE B 88 -3.46 -0.40 -8.42
CA ILE B 88 -4.82 -0.86 -8.60
C ILE B 88 -5.12 -0.97 -10.10
N GLU B 89 -4.74 0.06 -10.88
CA GLU B 89 -5.05 0.09 -12.29
C GLU B 89 -4.51 -1.18 -12.96
N HIS B 90 -5.31 -1.71 -13.90
CA HIS B 90 -5.08 -3.03 -14.45
C HIS B 90 -5.56 -3.12 -15.90
N ASP B 91 -5.05 -4.13 -16.62
CA ASP B 91 -5.49 -4.47 -17.96
C ASP B 91 -6.92 -5.00 -17.94
N ALA B 92 -7.56 -5.02 -19.11
CA ALA B 92 -8.92 -5.50 -19.27
C ALA B 92 -9.88 -4.69 -18.41
N SER B 93 -9.74 -3.35 -18.49
CA SER B 93 -10.72 -2.46 -17.90
C SER B 93 -12.02 -2.49 -18.72
N LEU B 94 -13.11 -2.01 -18.10
CA LEU B 94 -14.43 -2.00 -18.71
C LEU B 94 -14.57 -0.83 -19.69
N SER B 95 -13.85 0.27 -19.44
CA SER B 95 -14.11 1.54 -20.11
C SER B 95 -12.84 2.26 -20.52
N ARG B 96 -11.66 1.68 -20.21
CA ARG B 96 -10.37 2.24 -20.56
C ARG B 96 -9.59 1.18 -21.33
N GLU B 97 -8.49 1.60 -21.98
CA GLU B 97 -7.61 0.72 -22.74
C GLU B 97 -6.44 0.27 -21.86
N ASP B 98 -5.83 -0.86 -22.25
CA ASP B 98 -4.63 -1.36 -21.58
C ASP B 98 -3.50 -0.38 -21.84
N VAL B 99 -2.68 -0.14 -20.80
CA VAL B 99 -1.67 0.91 -20.86
C VAL B 99 -0.64 0.58 -21.94
N ALA B 100 -0.36 -0.71 -22.19
CA ALA B 100 0.68 -1.08 -23.15
C ALA B 100 0.28 -0.77 -24.59
N ILE B 101 -1.02 -0.61 -24.88
CA ILE B 101 -1.47 -0.36 -26.23
C ILE B 101 -2.37 0.88 -26.29
N GLY B 102 -2.46 1.69 -25.24
CA GLY B 102 -3.42 2.79 -25.29
C GLY B 102 -3.50 3.60 -24.01
N ASP B 103 -4.60 4.36 -23.92
CA ASP B 103 -4.86 5.29 -22.83
C ASP B 103 -5.59 4.53 -21.71
N ASN B 104 -4.95 4.42 -20.54
CA ASN B 104 -5.48 3.66 -19.42
C ASN B 104 -6.20 4.57 -18.44
N LEU B 105 -6.37 5.85 -18.81
CA LEU B 105 -6.84 6.89 -17.91
C LEU B 105 -8.26 7.31 -18.25
N HIS B 106 -8.51 7.63 -19.54
CA HIS B 106 -9.74 8.28 -19.97
C HIS B 106 -10.80 7.28 -20.45
N PHE B 107 -12.07 7.68 -20.31
CA PHE B 107 -13.19 6.91 -20.82
C PHE B 107 -13.06 6.75 -22.33
N ASN B 108 -13.33 5.53 -22.80
CA ASN B 108 -13.20 5.20 -24.20
C ASN B 108 -14.47 4.48 -24.65
N GLU B 109 -15.24 5.12 -25.55
CA GLU B 109 -16.54 4.62 -25.99
C GLU B 109 -16.38 3.28 -26.72
N ALA B 110 -15.28 3.09 -27.47
CA ALA B 110 -15.11 1.87 -28.23
C ALA B 110 -14.91 0.66 -27.29
N ILE B 111 -14.14 0.83 -26.21
CA ILE B 111 -13.99 -0.21 -25.21
C ILE B 111 -15.34 -0.46 -24.53
N PHE B 112 -16.02 0.61 -24.14
CA PHE B 112 -17.25 0.51 -23.38
C PHE B 112 -18.35 -0.23 -24.14
N THR B 113 -18.24 -0.32 -25.47
CA THR B 113 -19.20 -1.02 -26.31
C THR B 113 -19.56 -2.38 -25.70
N THR B 114 -18.54 -3.16 -25.32
CA THR B 114 -18.76 -4.51 -24.83
C THR B 114 -19.75 -4.47 -23.66
N LEU B 115 -19.48 -3.66 -22.64
CA LEU B 115 -20.39 -3.52 -21.52
C LEU B 115 -21.75 -2.99 -22.00
N ALA B 116 -21.73 -2.00 -22.88
CA ALA B 116 -22.95 -1.33 -23.31
C ALA B 116 -23.89 -2.31 -24.02
N ASN B 117 -23.32 -3.29 -24.73
CA ASN B 117 -24.11 -4.23 -25.52
C ASN B 117 -24.41 -5.52 -24.76
N SER B 118 -24.12 -5.58 -23.45
CA SER B 118 -24.25 -6.81 -22.69
C SER B 118 -25.67 -6.95 -22.17
N ASN B 119 -26.01 -8.18 -21.76
CA ASN B 119 -27.35 -8.55 -21.33
C ASN B 119 -28.38 -8.07 -22.35
N PRO B 120 -28.27 -8.48 -23.62
CA PRO B 120 -29.31 -8.20 -24.63
C PRO B 120 -30.72 -8.50 -24.16
N GLY B 121 -31.67 -7.60 -24.45
CA GLY B 121 -33.08 -7.88 -24.21
C GLY B 121 -33.50 -7.72 -22.76
N ALA B 122 -32.67 -7.05 -21.94
CA ALA B 122 -33.11 -6.58 -20.65
C ALA B 122 -32.73 -5.11 -20.51
N ASP B 123 -33.35 -4.42 -19.55
CA ASP B 123 -33.03 -3.03 -19.31
C ASP B 123 -32.12 -2.91 -18.07
N VAL B 124 -31.56 -4.05 -17.62
CA VAL B 124 -30.62 -4.07 -16.52
C VAL B 124 -29.34 -4.80 -16.94
N TYR B 125 -28.23 -4.40 -16.32
CA TYR B 125 -27.05 -5.24 -16.28
C TYR B 125 -27.13 -6.03 -14.98
N ASN B 126 -26.57 -7.24 -14.98
CA ASN B 126 -26.66 -8.07 -13.80
C ASN B 126 -25.42 -8.95 -13.71
N ILE B 127 -25.44 -9.94 -12.83
CA ILE B 127 -24.23 -10.68 -12.50
C ILE B 127 -23.76 -11.54 -13.68
N SER B 128 -24.68 -12.21 -14.41
CA SER B 128 -24.29 -13.03 -15.54
CA SER B 128 -24.36 -13.01 -15.58
C SER B 128 -23.75 -12.17 -16.69
N SER B 129 -24.35 -11.00 -16.94
CA SER B 129 -23.84 -10.10 -17.97
C SER B 129 -22.50 -9.55 -17.53
N ALA B 130 -22.40 -9.15 -16.25
CA ALA B 130 -21.15 -8.61 -15.75
C ALA B 130 -20.03 -9.63 -15.97
N ALA B 131 -20.33 -10.90 -15.68
CA ALA B 131 -19.35 -11.97 -15.86
C ALA B 131 -18.95 -12.15 -17.33
N GLN B 132 -19.91 -12.01 -18.26
CA GLN B 132 -19.64 -12.24 -19.68
C GLN B 132 -18.76 -11.11 -20.20
N VAL B 133 -19.04 -9.87 -19.76
CA VAL B 133 -18.24 -8.71 -20.13
C VAL B 133 -16.79 -8.93 -19.70
N GLN B 134 -16.57 -9.39 -18.47
CA GLN B 134 -15.21 -9.57 -17.96
C GLN B 134 -14.46 -10.58 -18.80
N HIS B 135 -15.09 -11.75 -19.03
CA HIS B 135 -14.54 -12.78 -19.89
C HIS B 135 -14.12 -12.19 -21.22
N ASP B 136 -15.02 -11.41 -21.86
CA ASP B 136 -14.79 -10.87 -23.19
C ASP B 136 -13.71 -9.80 -23.17
N ARG B 137 -13.72 -8.94 -22.15
CA ARG B 137 -12.68 -7.92 -22.02
C ARG B 137 -11.30 -8.56 -21.86
N LEU B 138 -11.20 -9.58 -21.01
CA LEU B 138 -9.93 -10.25 -20.81
C LEU B 138 -9.47 -10.94 -22.10
N ALA B 139 -10.37 -11.65 -22.78
CA ALA B 139 -10.02 -12.27 -24.06
C ALA B 139 -9.46 -11.23 -25.03
N ASP B 140 -10.06 -10.03 -25.04
CA ASP B 140 -9.60 -8.99 -25.95
C ASP B 140 -8.17 -8.58 -25.61
N SER B 141 -7.89 -8.40 -24.30
CA SER B 141 -6.55 -8.08 -23.83
C SER B 141 -5.57 -9.22 -24.16
N VAL B 142 -5.99 -10.47 -24.02
CA VAL B 142 -5.07 -11.57 -24.29
C VAL B 142 -4.78 -11.61 -25.78
N ALA B 143 -5.76 -11.25 -26.62
CA ALA B 143 -5.57 -11.24 -28.07
C ALA B 143 -4.63 -10.13 -28.52
N ARG B 144 -4.75 -8.93 -27.92
CA ARG B 144 -4.16 -7.75 -28.53
C ARG B 144 -3.03 -7.14 -27.71
N ASN B 145 -2.85 -7.57 -26.45
CA ASN B 145 -1.82 -7.00 -25.59
C ASN B 145 -0.85 -8.10 -25.17
N PRO B 146 0.36 -8.20 -25.76
CA PRO B 146 1.27 -9.27 -25.37
C PRO B 146 1.85 -9.08 -23.96
N ASN B 147 1.64 -7.90 -23.37
CA ASN B 147 2.11 -7.62 -22.01
C ASN B 147 0.98 -7.74 -20.99
N VAL B 148 -0.11 -8.40 -21.36
CA VAL B 148 -1.26 -8.50 -20.49
C VAL B 148 -0.80 -9.03 -19.12
N THR B 149 -1.33 -8.43 -18.05
CA THR B 149 -1.21 -8.98 -16.72
C THR B 149 -2.61 -9.38 -16.24
N ASN B 150 -2.74 -10.65 -15.86
CA ASN B 150 -4.00 -11.25 -15.45
C ASN B 150 -3.74 -12.25 -14.33
N THR B 151 -4.05 -11.86 -13.09
CA THR B 151 -3.69 -12.60 -11.90
C THR B 151 -4.92 -12.75 -11.01
N ASP B 152 -4.80 -13.55 -9.94
CA ASP B 152 -5.87 -13.66 -8.96
C ASP B 152 -6.28 -12.27 -8.48
N LEU B 153 -5.27 -11.41 -8.25
CA LEU B 153 -5.49 -10.08 -7.70
C LEU B 153 -6.27 -9.21 -8.69
N THR B 154 -5.79 -9.11 -9.95
CA THR B 154 -6.46 -8.30 -10.95
C THR B 154 -7.86 -8.83 -11.21
N ALA B 155 -8.02 -10.15 -11.24
CA ALA B 155 -9.33 -10.75 -11.45
C ALA B 155 -10.28 -10.33 -10.33
N THR B 156 -9.77 -10.33 -9.09
CA THR B 156 -10.56 -9.94 -7.92
C THR B 156 -10.94 -8.45 -7.98
N ILE B 157 -9.98 -7.58 -8.30
CA ILE B 157 -10.25 -6.16 -8.40
C ILE B 157 -11.30 -5.93 -9.50
N ARG B 158 -11.13 -6.61 -10.64
CA ARG B 158 -12.05 -6.47 -11.76
C ARG B 158 -13.46 -6.83 -11.31
N SER B 159 -13.61 -7.96 -10.61
CA SER B 159 -14.93 -8.38 -10.15
C SER B 159 -15.51 -7.40 -9.13
N SER B 160 -14.64 -6.81 -8.29
CA SER B 160 -15.06 -5.79 -7.34
C SER B 160 -15.67 -4.59 -8.05
N GLU B 161 -15.00 -4.14 -9.12
CA GLU B 161 -15.41 -2.98 -9.88
C GLU B 161 -16.77 -3.25 -10.53
N SER B 162 -16.97 -4.47 -11.06
CA SER B 162 -18.28 -4.83 -11.59
C SER B 162 -19.32 -4.84 -10.48
N ALA B 163 -18.98 -5.41 -9.32
CA ALA B 163 -19.92 -5.39 -8.20
C ALA B 163 -20.27 -3.94 -7.81
N PHE B 164 -19.30 -3.02 -7.97
CA PHE B 164 -19.58 -1.63 -7.66
C PHE B 164 -20.64 -1.06 -8.59
N TYR B 165 -20.48 -1.18 -9.91
CA TYR B 165 -21.47 -0.56 -10.78
C TYR B 165 -22.85 -1.20 -10.58
N LEU B 166 -22.91 -2.50 -10.28
CA LEU B 166 -24.17 -3.21 -10.07
C LEU B 166 -24.88 -2.74 -8.81
N THR B 167 -24.10 -2.41 -7.77
CA THR B 167 -24.66 -2.12 -6.46
C THR B 167 -24.91 -0.62 -6.31
N VAL B 168 -23.94 0.21 -6.66
CA VAL B 168 -24.01 1.63 -6.35
C VAL B 168 -25.06 2.30 -7.24
N MET B 169 -25.16 1.83 -8.49
CA MET B 169 -26.11 2.37 -9.46
C MET B 169 -27.41 1.56 -9.54
N SER B 170 -27.74 0.81 -8.48
CA SER B 170 -28.96 0.02 -8.45
C SER B 170 -30.18 0.93 -8.29
N ALA B 171 -31.34 0.40 -8.65
CA ALA B 171 -32.62 1.09 -8.54
C ALA B 171 -33.16 0.92 -7.13
N GLY B 172 -33.08 -0.30 -6.61
CA GLY B 172 -33.67 -0.57 -5.32
C GLY B 172 -32.63 -1.17 -4.39
N ASP B 173 -32.68 -2.49 -4.27
CA ASP B 173 -31.85 -3.22 -3.36
C ASP B 173 -30.54 -3.51 -4.08
N PRO B 174 -29.40 -2.99 -3.60
CA PRO B 174 -28.10 -3.42 -4.13
C PRO B 174 -27.83 -4.92 -3.99
N LEU B 175 -28.51 -5.59 -3.04
CA LEU B 175 -28.40 -7.03 -2.83
C LEU B 175 -28.71 -7.80 -4.10
N ARG B 176 -29.58 -7.23 -4.93
CA ARG B 176 -30.12 -7.90 -6.11
C ARG B 176 -29.02 -8.12 -7.14
N GLY B 177 -27.96 -7.30 -7.10
CA GLY B 177 -26.86 -7.43 -8.05
C GLY B 177 -27.30 -7.18 -9.48
N GLU B 178 -28.16 -6.18 -9.66
CA GLU B 178 -28.48 -5.69 -11.00
C GLU B 178 -28.75 -4.19 -10.92
N ALA B 179 -28.39 -3.48 -11.99
CA ALA B 179 -28.58 -2.04 -12.08
C ALA B 179 -29.17 -1.71 -13.44
N PRO B 180 -30.12 -0.75 -13.49
CA PRO B 180 -30.63 -0.24 -14.76
C PRO B 180 -29.50 0.19 -15.69
N LYS B 181 -29.58 -0.22 -16.96
CA LYS B 181 -28.58 0.20 -17.94
C LYS B 181 -28.56 1.73 -18.07
N LYS B 182 -29.71 2.40 -17.91
CA LYS B 182 -29.75 3.83 -18.07
C LYS B 182 -28.98 4.50 -16.94
N PHE B 183 -28.91 3.89 -15.75
CA PHE B 183 -28.12 4.46 -14.67
C PHE B 183 -26.63 4.21 -14.91
N VAL B 184 -26.26 2.96 -15.23
CA VAL B 184 -24.86 2.58 -15.34
C VAL B 184 -24.20 3.31 -16.52
N ASN B 185 -24.93 3.46 -17.63
CA ASN B 185 -24.40 4.12 -18.82
C ASN B 185 -24.06 5.58 -18.53
N VAL B 186 -24.93 6.28 -17.78
CA VAL B 186 -24.66 7.66 -17.40
C VAL B 186 -23.45 7.70 -16.49
N PHE B 187 -23.38 6.74 -15.56
CA PHE B 187 -22.28 6.65 -14.62
C PHE B 187 -20.94 6.63 -15.37
N PHE B 188 -20.84 5.78 -16.41
CA PHE B 188 -19.58 5.58 -17.10
C PHE B 188 -19.32 6.69 -18.10
N GLN B 189 -20.34 7.03 -18.89
CA GLN B 189 -20.17 7.90 -20.04
C GLN B 189 -20.04 9.35 -19.58
N GLU B 190 -20.67 9.74 -18.48
CA GLU B 190 -20.70 11.15 -18.07
C GLU B 190 -20.11 11.35 -16.67
N GLU B 191 -19.86 10.25 -15.93
CA GLU B 191 -19.36 10.36 -14.57
C GLU B 191 -20.27 11.33 -13.82
N ARG B 192 -21.57 11.01 -13.90
CA ARG B 192 -22.65 11.73 -13.24
C ARG B 192 -23.56 10.73 -12.52
N MET B 193 -24.04 11.12 -11.34
CA MET B 193 -25.11 10.42 -10.66
C MET B 193 -26.42 10.65 -11.43
N PRO B 194 -27.08 9.60 -11.96
CA PRO B 194 -28.25 9.80 -12.83
C PRO B 194 -29.55 10.13 -12.08
N ILE B 195 -29.58 11.32 -11.46
CA ILE B 195 -30.67 11.74 -10.61
C ILE B 195 -31.89 12.03 -11.48
N LYS B 196 -31.64 12.84 -12.53
CA LYS B 196 -32.58 13.14 -13.61
C LYS B 196 -33.30 11.88 -14.06
N GLU B 197 -32.52 10.80 -14.22
CA GLU B 197 -33.02 9.56 -14.79
C GLU B 197 -33.80 8.77 -13.74
N GLY B 198 -33.68 9.14 -12.45
CA GLY B 198 -34.48 8.56 -11.39
C GLY B 198 -33.68 7.81 -10.30
N TRP B 199 -32.35 7.87 -10.37
CA TRP B 199 -31.50 7.15 -9.42
C TRP B 199 -31.57 7.85 -8.06
N LYS B 200 -31.58 7.08 -6.97
CA LYS B 200 -31.31 7.57 -5.63
C LYS B 200 -30.18 6.78 -4.96
N ARG B 201 -29.43 7.45 -4.08
CA ARG B 201 -28.47 6.81 -3.20
C ARG B 201 -29.14 5.64 -2.51
N SER B 202 -28.43 4.51 -2.41
CA SER B 202 -28.94 3.35 -1.72
C SER B 202 -29.26 3.69 -0.26
N THR B 203 -30.38 3.16 0.23
CA THR B 203 -30.73 3.24 1.63
C THR B 203 -30.14 2.02 2.36
N THR B 204 -29.66 1.02 1.60
CA THR B 204 -28.92 -0.12 2.15
C THR B 204 -27.42 0.19 2.14
N PRO B 205 -26.71 0.01 3.28
CA PRO B 205 -25.25 0.13 3.31
C PRO B 205 -24.59 -0.86 2.36
N ILE B 206 -23.68 -0.34 1.50
CA ILE B 206 -22.88 -1.19 0.62
C ILE B 206 -21.50 -1.38 1.24
N ASN B 207 -21.24 -2.59 1.75
CA ASN B 207 -20.03 -2.92 2.49
C ASN B 207 -19.48 -4.25 1.96
N LEU B 208 -18.40 -4.75 2.56
CA LEU B 208 -17.72 -5.93 2.08
C LEU B 208 -18.61 -7.17 2.18
N PRO B 209 -19.29 -7.42 3.32
CA PRO B 209 -20.26 -8.53 3.41
C PRO B 209 -21.31 -8.57 2.29
N LEU B 210 -21.78 -7.40 1.84
CA LEU B 210 -22.76 -7.33 0.77
C LEU B 210 -22.12 -7.58 -0.60
N LEU B 211 -20.94 -6.99 -0.85
CA LEU B 211 -20.23 -7.15 -2.11
C LEU B 211 -19.62 -8.55 -2.27
N GLY B 212 -19.16 -9.17 -1.18
CA GLY B 212 -18.36 -10.39 -1.25
C GLY B 212 -18.99 -11.46 -2.15
N PRO B 213 -20.24 -11.90 -1.90
CA PRO B 213 -20.86 -12.94 -2.72
C PRO B 213 -21.11 -12.52 -4.17
N ILE B 214 -21.31 -11.22 -4.41
CA ILE B 214 -21.51 -10.71 -5.78
C ILE B 214 -20.21 -10.85 -6.56
N ILE B 215 -19.11 -10.39 -5.95
CA ILE B 215 -17.78 -10.55 -6.53
C ILE B 215 -17.47 -12.01 -6.87
N ASP B 216 -17.76 -12.93 -5.93
CA ASP B 216 -17.40 -14.33 -6.10
C ASP B 216 -18.22 -14.95 -7.23
N ARG B 217 -19.50 -14.54 -7.32
CA ARG B 217 -20.42 -15.06 -8.31
C ARG B 217 -19.99 -14.60 -9.71
N ILE B 218 -19.60 -13.33 -9.84
CA ILE B 218 -19.14 -12.82 -11.13
C ILE B 218 -17.90 -13.61 -11.57
N THR B 219 -16.95 -13.78 -10.65
CA THR B 219 -15.74 -14.51 -10.99
C THR B 219 -16.07 -15.91 -11.48
N GLU B 220 -16.93 -16.61 -10.73
CA GLU B 220 -17.30 -17.99 -11.04
C GLU B 220 -17.92 -18.11 -12.44
N LEU B 221 -18.80 -17.15 -12.80
CA LEU B 221 -19.51 -17.22 -14.08
C LEU B 221 -18.60 -16.76 -15.23
N SER B 222 -17.44 -16.16 -14.95
CA SER B 222 -16.64 -15.54 -15.98
C SER B 222 -15.69 -16.53 -16.65
N ASP B 223 -15.70 -17.80 -16.27
CA ASP B 223 -14.83 -18.81 -16.88
CA ASP B 223 -14.82 -18.81 -16.86
C ASP B 223 -13.40 -18.26 -16.94
N TRP B 224 -12.84 -17.94 -15.77
CA TRP B 224 -11.56 -17.24 -15.68
C TRP B 224 -10.40 -18.21 -15.45
N LYS B 225 -9.26 -17.92 -16.09
CA LYS B 225 -8.00 -18.55 -15.76
C LYS B 225 -6.90 -17.51 -15.69
N PRO B 226 -5.87 -17.72 -14.84
CA PRO B 226 -4.75 -16.78 -14.75
C PRO B 226 -3.89 -16.83 -16.00
N THR B 227 -3.02 -15.82 -16.14
CA THR B 227 -2.02 -15.76 -17.19
C THR B 227 -0.60 -15.77 -16.60
N GLY B 228 0.29 -16.60 -17.18
CA GLY B 228 1.71 -16.49 -16.90
C GLY B 228 2.03 -16.87 -15.45
N ASP B 229 2.86 -16.06 -14.79
CA ASP B 229 3.33 -16.36 -13.45
C ASP B 229 2.23 -16.27 -12.39
N ASN B 230 1.11 -15.60 -12.67
CA ASN B 230 0.05 -15.39 -11.69
C ASN B 230 0.64 -14.79 -10.41
N CYS B 231 1.38 -13.69 -10.55
CA CYS B 231 2.02 -13.05 -9.41
C CYS B 231 1.18 -11.87 -8.92
N GLY B 232 0.61 -11.95 -7.71
CA GLY B 232 -0.24 -10.87 -7.23
C GLY B 232 0.54 -9.70 -6.61
N ALA B 233 1.70 -9.32 -7.18
CA ALA B 233 2.50 -8.24 -6.61
C ALA B 233 1.97 -6.89 -7.09
N ILE B 234 1.87 -5.91 -6.20
CA ILE B 234 1.48 -4.57 -6.62
C ILE B 234 2.73 -3.68 -6.69
N VAL B 235 2.65 -2.66 -7.54
CA VAL B 235 3.63 -1.59 -7.58
C VAL B 235 3.43 -0.71 -6.34
N LEU B 236 4.52 -0.41 -5.62
CA LEU B 236 4.42 0.10 -4.25
C LEU B 236 4.49 1.63 -4.19
N GLY B 237 4.93 2.27 -5.29
CA GLY B 237 4.98 3.72 -5.34
C GLY B 237 5.30 4.17 -6.76
N PRO B 238 5.12 5.46 -7.13
CA PRO B 238 5.42 5.93 -8.48
C PRO B 238 6.91 5.90 -8.81
N GLY B 239 7.22 5.73 -10.09
CA GLY B 239 8.56 5.92 -10.63
C GLY B 239 9.65 5.16 -9.87
N LEU B 240 9.39 3.89 -9.51
CA LEU B 240 10.41 3.06 -8.88
C LEU B 240 11.36 2.50 -9.97
#